data_1HXN
#
_entry.id   1HXN
#
_cell.length_a   43.600
_cell.length_b   62.800
_cell.length_c   80.600
_cell.angle_alpha   90.00
_cell.angle_beta   90.00
_cell.angle_gamma   90.00
#
_symmetry.space_group_name_H-M   'P 21 21 21'
#
loop_
_entity.id
_entity.type
_entity.pdbx_description
1 polymer HEMOPEXIN
2 non-polymer 'PHOSPHATE ION'
3 non-polymer 'SODIUM ION'
4 non-polymer 'CHLORIDE ION'
5 water water
#
_entity_poly.entity_id   1
_entity_poly.type   'polypeptide(L)'
_entity_poly.pdbx_seq_one_letter_code
;HRNSTQHGHESTRCDPDLVLSAMVSDNHGATYVFSGSHYWRLDTNRDGWHSWPIAHQWPQGPSTVDAAFSWEDKLYLIQD
TKVYVFLTKGGYTLVNGYPKRLEKELGSPPVISLEAVDAAFVCPGSSRLHIMAGRRLWWLDLKSGAQATWTELPWPHEKV
DGALCMEKPLGPNSCSTSGPNLYLIHGPNLYCYRHVDKLNAAKNLPQPQRVSRLLGCTH
;
_entity_poly.pdbx_strand_id   A
#
loop_
_chem_comp.id
_chem_comp.type
_chem_comp.name
_chem_comp.formula
CL non-polymer 'CHLORIDE ION' 'Cl -1'
NA non-polymer 'SODIUM ION' 'Na 1'
PO4 non-polymer 'PHOSPHATE ION' 'O4 P -3'
#
# COMPACT_ATOMS: atom_id res chain seq x y z
CA GLU A 10 -5.52 -23.72 0.06
C GLU A 10 -6.72 -22.77 0.22
N SER A 11 -6.85 -22.15 1.40
CA SER A 11 -7.97 -21.24 1.66
C SER A 11 -7.99 -20.08 0.68
N THR A 12 -8.67 -19.00 1.06
CA THR A 12 -8.70 -17.83 0.21
C THR A 12 -7.26 -17.61 -0.27
N ARG A 13 -6.30 -17.83 0.64
CA ARG A 13 -4.86 -17.66 0.39
C ARG A 13 -4.36 -18.18 -0.93
N CYS A 14 -4.62 -19.46 -1.18
CA CYS A 14 -4.15 -20.09 -2.40
C CYS A 14 -5.20 -20.19 -3.49
N ASP A 15 -6.24 -19.38 -3.34
CA ASP A 15 -7.35 -19.26 -4.28
C ASP A 15 -6.86 -18.55 -5.56
N PRO A 16 -7.35 -18.99 -6.71
CA PRO A 16 -6.99 -18.36 -7.99
C PRO A 16 -7.68 -16.99 -8.19
N ASP A 17 -8.79 -16.81 -7.50
CA ASP A 17 -9.52 -15.56 -7.58
C ASP A 17 -9.16 -14.57 -6.46
N LEU A 18 -8.13 -14.89 -5.68
CA LEU A 18 -7.73 -14.00 -4.60
C LEU A 18 -7.27 -12.70 -5.18
N VAL A 19 -7.81 -11.59 -4.69
CA VAL A 19 -7.39 -10.27 -5.10
C VAL A 19 -7.06 -9.47 -3.86
N LEU A 20 -5.86 -8.91 -3.81
CA LEU A 20 -5.42 -8.14 -2.64
C LEU A 20 -5.90 -6.70 -2.86
N SER A 21 -6.05 -5.93 -1.79
CA SER A 21 -6.56 -4.56 -1.93
C SER A 21 -5.64 -3.50 -1.39
N ALA A 22 -4.61 -3.90 -0.64
CA ALA A 22 -3.65 -2.94 -0.09
C ALA A 22 -2.45 -3.58 0.62
N MET A 23 -1.37 -2.80 0.75
CA MET A 23 -0.18 -3.24 1.43
C MET A 23 0.41 -2.09 2.24
N VAL A 24 0.97 -2.41 3.38
CA VAL A 24 1.59 -1.39 4.20
C VAL A 24 2.50 -2.08 5.18
N SER A 25 3.50 -1.36 5.63
CA SER A 25 4.45 -1.86 6.62
C SER A 25 4.53 -0.76 7.70
N ASP A 26 4.61 -1.15 8.97
CA ASP A 26 4.72 -0.13 10.03
C ASP A 26 6.15 0.18 10.54
N ASN A 27 6.36 1.39 11.04
CA ASN A 27 7.67 1.80 11.55
C ASN A 27 8.39 0.73 12.35
N HIS A 28 7.66 -0.26 12.84
CA HIS A 28 8.29 -1.33 13.62
C HIS A 28 8.74 -2.55 12.82
N GLY A 29 8.34 -2.62 11.54
CA GLY A 29 8.73 -3.74 10.70
C GLY A 29 7.58 -4.73 10.41
N ALA A 30 6.38 -4.42 10.92
CA ALA A 30 5.20 -5.27 10.70
C ALA A 30 4.65 -5.00 9.29
N THR A 31 4.56 -6.05 8.50
CA THR A 31 4.07 -5.93 7.12
C THR A 31 2.68 -6.58 6.98
N TYR A 32 1.74 -5.85 6.39
CA TYR A 32 0.39 -6.36 6.23
C TYR A 32 -0.03 -6.30 4.80
N VAL A 33 -0.83 -7.28 4.42
CA VAL A 33 -1.35 -7.34 3.09
C VAL A 33 -2.83 -7.48 3.31
N PHE A 34 -3.61 -6.63 2.64
CA PHE A 34 -5.06 -6.64 2.80
C PHE A 34 -5.81 -7.23 1.62
N SER A 35 -6.95 -7.82 1.94
CA SER A 35 -7.86 -8.33 0.93
C SER A 35 -9.27 -7.97 1.37
N GLY A 36 -9.69 -6.75 1.04
CA GLY A 36 -11.02 -6.29 1.41
C GLY A 36 -11.17 -6.09 2.90
N SER A 37 -11.90 -6.98 3.55
CA SER A 37 -12.15 -6.87 4.98
C SER A 37 -11.22 -7.70 5.85
N HIS A 38 -10.24 -8.34 5.24
CA HIS A 38 -9.33 -9.14 6.03
C HIS A 38 -7.92 -8.83 5.66
N TYR A 39 -6.99 -9.31 6.47
CA TYR A 39 -5.60 -9.08 6.21
C TYR A 39 -4.77 -10.25 6.70
N TRP A 40 -3.51 -10.25 6.30
CA TRP A 40 -2.57 -11.23 6.77
C TRP A 40 -1.38 -10.46 7.20
N ARG A 41 -0.64 -11.03 8.13
CA ARG A 41 0.60 -10.44 8.63
C ARG A 41 1.76 -11.32 8.15
N LEU A 42 2.63 -10.77 7.30
CA LEU A 42 3.76 -11.53 6.76
C LEU A 42 5.10 -11.45 7.53
N ASP A 43 5.28 -10.42 8.36
CA ASP A 43 6.53 -10.26 9.11
C ASP A 43 6.52 -10.98 10.49
N THR A 44 5.63 -11.97 10.64
CA THR A 44 5.49 -12.75 11.88
C THR A 44 6.84 -13.27 12.46
N ASN A 45 7.10 -14.53 12.07
CA ASN A 45 8.23 -15.43 12.48
C ASN A 45 7.74 -16.85 11.98
N ARG A 46 6.41 -17.03 12.13
CA ARG A 46 5.64 -18.22 11.72
C ARG A 46 4.37 -18.36 12.59
N ASP A 47 3.51 -17.32 12.68
CA ASP A 47 2.25 -17.40 13.48
C ASP A 47 1.04 -17.83 12.62
N GLY A 48 1.19 -18.98 11.97
CA GLY A 48 0.14 -19.51 11.13
C GLY A 48 -0.07 -18.52 10.02
N TRP A 49 -0.99 -18.84 9.14
CA TRP A 49 -1.27 -18.00 8.03
C TRP A 49 -2.71 -17.62 8.22
N HIS A 50 -3.06 -17.32 9.44
CA HIS A 50 -4.41 -16.95 9.75
C HIS A 50 -4.70 -15.52 9.23
N SER A 51 -5.82 -15.35 8.54
CA SER A 51 -6.18 -14.04 8.03
C SER A 51 -7.14 -13.43 9.05
N TRP A 52 -6.92 -12.16 9.38
CA TRP A 52 -7.75 -11.52 10.38
C TRP A 52 -8.60 -10.49 9.77
N PRO A 53 -9.70 -10.23 10.43
CA PRO A 53 -10.63 -9.18 10.05
C PRO A 53 -9.96 -7.91 10.49
N ILE A 54 -10.11 -6.85 9.72
CA ILE A 54 -9.46 -5.57 10.01
C ILE A 54 -9.58 -5.11 11.46
N ALA A 55 -10.75 -5.27 12.03
CA ALA A 55 -10.97 -4.82 13.39
C ALA A 55 -10.03 -5.49 14.40
N HIS A 56 -9.46 -6.62 14.03
CA HIS A 56 -8.55 -7.30 14.94
C HIS A 56 -7.47 -6.35 15.49
N GLN A 57 -6.90 -5.49 14.65
CA GLN A 57 -5.86 -4.57 15.11
C GLN A 57 -6.20 -3.10 14.96
N TRP A 58 -7.21 -2.83 14.15
CA TRP A 58 -7.62 -1.48 13.93
C TRP A 58 -9.06 -1.40 14.35
N PRO A 59 -9.24 -1.63 15.65
CA PRO A 59 -10.53 -1.64 16.30
C PRO A 59 -11.62 -0.74 15.69
N GLN A 60 -11.30 0.54 15.46
CA GLN A 60 -12.28 1.47 14.92
C GLN A 60 -11.98 1.98 13.55
N GLY A 61 -11.41 1.13 12.71
CA GLY A 61 -11.08 1.52 11.36
C GLY A 61 -12.19 1.25 10.35
N PRO A 62 -11.81 1.24 9.08
CA PRO A 62 -12.76 1.01 7.98
C PRO A 62 -13.13 -0.47 7.86
N SER A 63 -14.25 -0.77 7.18
CA SER A 63 -14.69 -2.15 6.97
C SER A 63 -13.79 -2.87 5.98
N THR A 64 -13.35 -2.13 4.98
CA THR A 64 -12.46 -2.67 3.97
C THR A 64 -11.37 -1.62 3.74
N VAL A 65 -10.25 -2.05 3.17
CA VAL A 65 -9.14 -1.15 2.89
C VAL A 65 -8.83 -1.15 1.40
N ASP A 66 -8.80 0.04 0.79
CA ASP A 66 -8.52 0.19 -0.65
C ASP A 66 -7.09 0.60 -0.91
N ALA A 67 -6.45 1.20 0.09
CA ALA A 67 -5.06 1.62 -0.03
C ALA A 67 -4.54 1.94 1.35
N ALA A 68 -3.23 1.85 1.52
CA ALA A 68 -2.64 2.07 2.84
C ALA A 68 -1.21 2.54 2.72
N PHE A 69 -0.82 3.41 3.64
CA PHE A 69 0.58 3.85 3.70
C PHE A 69 0.96 4.28 5.11
N SER A 70 2.24 4.46 5.32
CA SER A 70 2.67 4.89 6.63
C SER A 70 3.67 5.98 6.44
N TRP A 71 3.65 6.93 7.35
CA TRP A 71 4.58 8.03 7.28
C TRP A 71 4.91 8.37 8.71
N GLU A 72 6.20 8.42 9.01
CA GLU A 72 6.61 8.69 10.37
C GLU A 72 6.10 7.59 11.28
N ASP A 73 5.31 7.95 12.27
CA ASP A 73 4.80 6.99 13.23
C ASP A 73 3.32 6.93 13.05
N LYS A 74 2.89 7.21 11.82
CA LYS A 74 1.47 7.20 11.51
C LYS A 74 1.20 6.20 10.38
N LEU A 75 0.11 5.49 10.52
CA LEU A 75 -0.29 4.49 9.58
C LEU A 75 -1.60 5.00 8.99
N TYR A 76 -1.67 5.09 7.67
CA TYR A 76 -2.90 5.57 7.04
C TYR A 76 -3.67 4.45 6.34
N LEU A 77 -4.98 4.36 6.61
CA LEU A 77 -5.85 3.41 5.93
C LEU A 77 -6.91 4.18 5.15
N ILE A 78 -7.06 3.86 3.87
CA ILE A 78 -8.06 4.56 3.04
C ILE A 78 -9.20 3.64 2.56
N GLN A 79 -10.42 4.12 2.70
CA GLN A 79 -11.60 3.37 2.31
C GLN A 79 -12.42 4.33 1.50
N ASP A 80 -12.61 4.02 0.21
CA ASP A 80 -13.32 4.91 -0.71
C ASP A 80 -12.66 6.30 -0.66
N THR A 81 -13.34 7.29 -0.13
CA THR A 81 -12.75 8.61 -0.08
C THR A 81 -12.48 9.10 1.35
N LYS A 82 -12.53 8.18 2.32
CA LYS A 82 -12.26 8.47 3.75
C LYS A 82 -10.85 7.97 4.15
N VAL A 83 -10.14 8.74 4.95
CA VAL A 83 -8.82 8.34 5.44
C VAL A 83 -8.86 8.16 6.94
N TYR A 84 -8.22 7.11 7.42
CA TYR A 84 -8.11 6.86 8.84
C TYR A 84 -6.64 6.92 9.19
N VAL A 85 -6.30 7.68 10.21
CA VAL A 85 -4.90 7.82 10.61
C VAL A 85 -4.75 7.31 12.01
N PHE A 86 -3.80 6.41 12.19
CA PHE A 86 -3.56 5.78 13.47
C PHE A 86 -2.15 6.08 13.93
N LEU A 87 -1.96 6.14 15.24
CA LEU A 87 -0.65 6.37 15.79
C LEU A 87 -0.16 5.01 16.09
N THR A 88 1.13 4.78 15.88
CA THR A 88 1.68 3.48 16.12
C THR A 88 2.52 3.47 17.36
N LYS A 89 2.11 4.27 18.34
CA LYS A 89 2.84 4.33 19.60
C LYS A 89 3.02 2.96 20.17
N GLY A 90 2.00 2.49 20.88
CA GLY A 90 2.03 1.17 21.48
C GLY A 90 0.75 0.48 21.15
N GLY A 91 0.56 0.23 19.87
CA GLY A 91 -0.67 -0.36 19.39
C GLY A 91 -1.33 0.76 18.61
N TYR A 92 -2.10 0.41 17.58
CA TYR A 92 -2.74 1.41 16.73
C TYR A 92 -3.93 2.12 17.36
N THR A 93 -3.85 3.43 17.42
CA THR A 93 -4.92 4.23 17.99
C THR A 93 -5.44 5.23 16.98
N LEU A 94 -6.74 5.22 16.76
CA LEU A 94 -7.30 6.13 15.79
C LEU A 94 -7.06 7.53 16.23
N VAL A 95 -6.63 8.37 15.32
CA VAL A 95 -6.39 9.75 15.68
C VAL A 95 -7.66 10.54 15.80
N ASN A 96 -7.64 11.36 16.82
CA ASN A 96 -8.71 12.22 17.12
C ASN A 96 -9.15 13.02 15.91
N GLY A 97 -10.43 12.94 15.58
CA GLY A 97 -10.90 13.70 14.45
C GLY A 97 -11.02 12.89 13.18
N TYR A 98 -10.51 11.66 13.19
CA TYR A 98 -10.59 10.79 12.00
C TYR A 98 -11.75 9.81 12.08
N PRO A 99 -12.23 9.35 10.92
CA PRO A 99 -11.64 9.70 9.62
C PRO A 99 -12.11 11.02 9.03
N LYS A 100 -11.43 11.43 7.98
CA LYS A 100 -11.71 12.67 7.28
C LYS A 100 -11.80 12.41 5.77
N ARG A 101 -12.46 13.31 5.05
CA ARG A 101 -12.55 13.16 3.61
C ARG A 101 -11.13 13.22 3.19
N LEU A 102 -10.84 12.51 2.13
CA LEU A 102 -9.52 12.45 1.59
C LEU A 102 -9.01 13.83 1.11
N GLU A 103 -9.88 14.59 0.46
CA GLU A 103 -9.48 15.91 -0.05
C GLU A 103 -9.12 16.82 1.09
N LYS A 104 -9.76 16.62 2.22
CA LYS A 104 -9.42 17.43 3.36
C LYS A 104 -8.02 17.10 3.91
N GLU A 105 -7.54 15.88 3.70
CA GLU A 105 -6.20 15.48 4.19
C GLU A 105 -5.10 15.66 3.19
N LEU A 106 -5.35 15.27 1.93
CA LEU A 106 -4.30 15.30 0.88
C LEU A 106 -4.50 16.23 -0.28
N GLY A 107 -5.63 16.94 -0.30
CA GLY A 107 -5.88 17.81 -1.42
C GLY A 107 -6.49 17.01 -2.57
N SER A 108 -6.38 17.53 -3.79
CA SER A 108 -6.94 16.85 -4.96
C SER A 108 -6.14 17.12 -6.21
N PRO A 109 -6.19 16.20 -7.18
CA PRO A 109 -5.48 16.43 -8.44
C PRO A 109 -6.31 17.52 -9.12
N PRO A 110 -5.69 18.26 -10.01
CA PRO A 110 -6.37 19.34 -10.70
C PRO A 110 -7.66 19.00 -11.45
N VAL A 111 -7.56 18.20 -12.50
CA VAL A 111 -8.76 17.94 -13.32
C VAL A 111 -9.67 16.82 -12.90
N ILE A 112 -9.35 16.17 -11.80
CA ILE A 112 -10.12 15.03 -11.38
C ILE A 112 -10.70 15.13 -10.01
N SER A 113 -11.86 14.52 -9.85
CA SER A 113 -12.47 14.39 -8.57
C SER A 113 -12.45 12.91 -8.27
N LEU A 114 -11.61 12.48 -7.34
CA LEU A 114 -11.51 11.06 -7.06
C LEU A 114 -12.65 10.51 -6.22
N GLU A 115 -13.10 9.31 -6.57
CA GLU A 115 -14.14 8.59 -5.84
C GLU A 115 -13.53 7.37 -5.12
N ALA A 116 -12.38 6.91 -5.61
CA ALA A 116 -11.68 5.78 -4.98
C ALA A 116 -10.19 5.84 -5.30
N VAL A 117 -9.39 5.15 -4.52
CA VAL A 117 -7.95 5.19 -4.73
C VAL A 117 -7.57 3.74 -4.77
N ASP A 118 -6.58 3.37 -5.58
CA ASP A 118 -6.20 1.96 -5.72
C ASP A 118 -5.00 1.51 -4.97
N ALA A 119 -4.03 2.41 -4.83
CA ALA A 119 -2.79 2.06 -4.14
C ALA A 119 -2.05 3.29 -3.66
N ALA A 120 -1.17 3.09 -2.67
CA ALA A 120 -0.38 4.17 -2.14
C ALA A 120 0.93 3.68 -1.55
N PHE A 121 1.96 4.53 -1.60
CA PHE A 121 3.20 4.19 -0.93
C PHE A 121 4.05 5.38 -0.64
N VAL A 122 4.85 5.26 0.41
CA VAL A 122 5.83 6.26 0.77
C VAL A 122 7.13 5.49 1.03
N CYS A 123 8.19 5.83 0.32
CA CYS A 123 9.45 5.16 0.53
C CYS A 123 10.17 5.72 1.72
N PRO A 124 10.98 4.90 2.34
CA PRO A 124 11.70 5.32 3.52
C PRO A 124 12.56 6.51 3.22
N GLY A 125 12.55 7.45 4.16
CA GLY A 125 13.34 8.65 4.04
C GLY A 125 12.78 9.57 3.00
N SER A 126 11.47 9.59 2.88
CA SER A 126 10.82 10.46 1.93
C SER A 126 9.56 10.93 2.58
N SER A 127 9.03 12.08 2.16
CA SER A 127 7.75 12.59 2.67
C SER A 127 6.86 12.71 1.44
N ARG A 128 7.36 12.17 0.34
CA ARG A 128 6.64 12.17 -0.93
C ARG A 128 5.71 10.99 -0.95
N LEU A 129 4.41 11.26 -1.00
CA LEU A 129 3.42 10.16 -1.08
C LEU A 129 3.13 9.89 -2.55
N HIS A 130 3.13 8.62 -2.96
CA HIS A 130 2.77 8.30 -4.34
C HIS A 130 1.41 7.66 -4.24
N ILE A 131 0.51 8.12 -5.07
CA ILE A 131 -0.88 7.67 -5.03
C ILE A 131 -1.32 7.29 -6.45
N MET A 132 -2.06 6.17 -6.55
CA MET A 132 -2.50 5.67 -7.84
C MET A 132 -3.98 5.40 -7.88
N ALA A 133 -4.60 5.74 -9.03
CA ALA A 133 -6.02 5.50 -9.27
C ALA A 133 -6.15 5.29 -10.75
N GLY A 134 -6.67 4.15 -11.14
CA GLY A 134 -6.81 3.90 -12.56
C GLY A 134 -5.46 3.84 -13.19
N ARG A 135 -5.32 4.40 -14.36
CA ARG A 135 -4.03 4.32 -14.98
C ARG A 135 -3.17 5.55 -14.62
N ARG A 136 -3.53 6.25 -13.54
CA ARG A 136 -2.76 7.45 -13.16
C ARG A 136 -1.98 7.30 -11.86
N LEU A 137 -0.80 7.90 -11.86
CA LEU A 137 0.09 7.85 -10.71
C LEU A 137 0.50 9.30 -10.42
N TRP A 138 0.42 9.70 -9.15
CA TRP A 138 0.82 11.07 -8.75
C TRP A 138 1.76 11.01 -7.58
N TRP A 139 2.44 12.11 -7.34
CA TRP A 139 3.23 12.27 -6.14
C TRP A 139 2.85 13.60 -5.54
N LEU A 140 2.85 13.67 -4.22
CA LEU A 140 2.54 14.89 -3.50
C LEU A 140 3.37 14.90 -2.25
N ASP A 141 3.51 16.08 -1.67
CA ASP A 141 4.31 16.24 -0.47
C ASP A 141 3.43 16.16 0.75
N LEU A 142 3.68 15.18 1.59
CA LEU A 142 2.88 15.02 2.79
C LEU A 142 3.03 16.22 3.76
N LYS A 143 4.13 16.94 3.64
CA LYS A 143 4.39 18.08 4.49
C LYS A 143 3.43 19.25 4.22
N SER A 144 2.76 19.21 3.06
CA SER A 144 1.86 20.31 2.69
C SER A 144 0.36 20.10 2.92
N GLY A 145 0.01 19.02 3.56
CA GLY A 145 -1.40 18.77 3.84
C GLY A 145 -2.29 18.93 2.61
N ALA A 146 -3.48 19.48 2.84
CA ALA A 146 -4.46 19.66 1.80
C ALA A 146 -4.01 20.63 0.77
N GLN A 147 -2.99 21.39 1.10
CA GLN A 147 -2.50 22.35 0.15
C GLN A 147 -1.56 21.69 -0.84
N ALA A 148 -1.32 20.38 -0.69
CA ALA A 148 -0.41 19.67 -1.61
C ALA A 148 -0.81 19.71 -3.09
N THR A 149 0.20 19.83 -3.95
CA THR A 149 0.03 19.83 -5.39
C THR A 149 0.34 18.40 -5.87
N TRP A 150 -0.55 17.81 -6.64
CA TRP A 150 -0.34 16.44 -7.14
C TRP A 150 0.27 16.54 -8.49
N THR A 151 1.41 15.88 -8.68
CA THR A 151 2.11 15.90 -9.97
C THR A 151 1.94 14.54 -10.58
N GLU A 152 1.45 14.52 -11.81
CA GLU A 152 1.21 13.28 -12.54
C GLU A 152 2.51 12.75 -13.14
N LEU A 153 2.80 11.49 -12.88
CA LEU A 153 4.03 10.83 -13.38
C LEU A 153 3.70 9.76 -14.40
N PRO A 154 4.62 9.49 -15.28
CA PRO A 154 4.43 8.42 -16.21
C PRO A 154 4.78 7.07 -15.53
N TRP A 155 4.22 5.99 -16.07
CA TRP A 155 4.48 4.63 -15.63
C TRP A 155 3.89 3.73 -16.66
N PRO A 156 4.20 2.46 -16.57
CA PRO A 156 3.74 1.49 -17.55
C PRO A 156 2.46 0.74 -17.16
N HIS A 157 1.92 0.99 -15.98
CA HIS A 157 0.75 0.25 -15.52
C HIS A 157 -0.59 0.91 -15.86
N GLU A 158 -1.61 0.09 -16.11
CA GLU A 158 -2.91 0.61 -16.43
C GLU A 158 -3.74 0.51 -15.21
N LYS A 159 -3.35 -0.40 -14.33
CA LYS A 159 -4.11 -0.61 -13.11
C LYS A 159 -3.31 -1.38 -12.09
N VAL A 160 -3.47 -1.01 -10.80
CA VAL A 160 -2.82 -1.76 -9.72
C VAL A 160 -3.74 -1.97 -8.57
N ASP A 161 -3.42 -2.96 -7.72
CA ASP A 161 -4.22 -3.26 -6.56
C ASP A 161 -3.64 -2.80 -5.21
N GLY A 162 -2.33 -2.59 -5.17
CA GLY A 162 -1.69 -2.17 -3.92
C GLY A 162 -0.22 -1.87 -4.18
N ALA A 163 0.45 -1.26 -3.22
CA ALA A 163 1.83 -0.89 -3.44
C ALA A 163 2.52 -0.83 -2.13
N LEU A 164 3.83 -0.93 -2.17
CA LEU A 164 4.57 -0.92 -0.94
C LEU A 164 6.03 -0.58 -1.20
N CYS A 165 6.64 0.24 -0.35
CA CYS A 165 8.07 0.59 -0.57
C CYS A 165 8.80 0.43 0.74
N MET A 166 9.76 -0.48 0.79
CA MET A 166 10.46 -0.74 2.05
C MET A 166 11.83 -1.32 1.82
N GLU A 167 12.70 -1.19 2.83
CA GLU A 167 14.08 -1.64 2.69
C GLU A 167 14.24 -3.18 2.54
N LYS A 168 13.58 -3.94 3.42
CA LYS A 168 13.63 -5.41 3.40
C LYS A 168 12.89 -5.90 2.18
N PRO A 169 13.21 -7.10 1.71
CA PRO A 169 12.48 -7.63 0.57
C PRO A 169 11.18 -8.28 1.05
N LEU A 170 10.23 -8.41 0.14
CA LEU A 170 8.97 -9.12 0.39
C LEU A 170 9.39 -10.44 -0.23
N GLY A 171 9.42 -11.51 0.52
CA GLY A 171 9.95 -12.74 -0.07
C GLY A 171 11.48 -12.75 0.16
N PRO A 172 12.14 -13.79 -0.27
CA PRO A 172 13.56 -13.94 0.00
C PRO A 172 14.60 -13.08 -0.72
N ASN A 173 14.22 -12.45 -1.82
CA ASN A 173 15.19 -11.68 -2.59
C ASN A 173 14.74 -10.28 -2.97
N SER A 174 15.66 -9.32 -2.85
CA SER A 174 15.40 -7.90 -3.20
C SER A 174 15.62 -7.66 -4.69
N CYS A 175 15.14 -6.53 -5.20
CA CYS A 175 15.41 -6.18 -6.61
C CYS A 175 16.18 -4.85 -6.63
N SER A 176 16.53 -4.39 -5.46
CA SER A 176 17.25 -3.16 -5.38
C SER A 176 18.51 -3.29 -4.53
N THR A 177 19.64 -2.88 -5.04
CA THR A 177 20.87 -3.00 -4.23
C THR A 177 21.08 -1.77 -3.33
N SER A 178 20.66 -0.62 -3.82
CA SER A 178 20.82 0.62 -3.07
C SER A 178 19.63 1.10 -2.24
N GLY A 179 18.50 1.34 -2.88
CA GLY A 179 17.34 1.86 -2.18
C GLY A 179 16.50 0.78 -1.66
N PRO A 180 15.29 1.13 -1.26
CA PRO A 180 14.35 0.16 -0.76
C PRO A 180 13.72 -0.49 -1.99
N ASN A 181 13.07 -1.62 -1.78
CA ASN A 181 12.38 -2.32 -2.88
C ASN A 181 11.04 -1.64 -3.09
N LEU A 182 10.63 -1.47 -4.34
CA LEU A 182 9.31 -0.86 -4.64
C LEU A 182 8.43 -1.92 -5.25
N TYR A 183 7.35 -2.26 -4.57
CA TYR A 183 6.44 -3.32 -5.02
C TYR A 183 5.10 -2.83 -5.45
N LEU A 184 4.64 -3.36 -6.58
CA LEU A 184 3.29 -3.07 -7.11
C LEU A 184 2.63 -4.42 -7.31
N ILE A 185 1.35 -4.51 -6.98
CA ILE A 185 0.62 -5.75 -7.12
C ILE A 185 -0.56 -5.59 -8.00
N HIS A 186 -0.78 -6.56 -8.85
CA HIS A 186 -1.96 -6.54 -9.65
C HIS A 186 -2.43 -7.96 -9.91
N GLY A 187 -3.60 -8.28 -9.41
CA GLY A 187 -4.15 -9.62 -9.59
C GLY A 187 -3.21 -10.59 -8.88
N PRO A 188 -2.70 -11.58 -9.64
CA PRO A 188 -1.79 -12.59 -9.08
C PRO A 188 -0.32 -12.17 -9.12
N ASN A 189 -0.03 -11.04 -9.73
CA ASN A 189 1.33 -10.62 -9.88
C ASN A 189 1.87 -9.63 -8.88
N LEU A 190 3.16 -9.78 -8.59
CA LEU A 190 3.89 -8.89 -7.72
C LEU A 190 5.07 -8.40 -8.54
N TYR A 191 5.16 -7.09 -8.74
CA TYR A 191 6.26 -6.51 -9.52
C TYR A 191 7.15 -5.79 -8.57
N CYS A 192 8.45 -5.78 -8.87
CA CYS A 192 9.43 -5.11 -8.03
C CYS A 192 10.27 -4.20 -8.87
N TYR A 193 10.41 -2.93 -8.45
CA TYR A 193 11.26 -1.95 -9.16
C TYR A 193 12.43 -1.53 -8.25
N ARG A 194 13.55 -1.16 -8.84
CA ARG A 194 14.67 -0.79 -8.00
C ARG A 194 14.56 0.61 -7.43
N HIS A 195 13.88 1.50 -8.14
CA HIS A 195 13.72 2.88 -7.66
C HIS A 195 12.46 3.46 -8.28
N VAL A 196 12.00 4.60 -7.77
CA VAL A 196 10.81 5.22 -8.37
C VAL A 196 11.11 5.62 -9.84
N ASP A 197 12.34 6.06 -10.09
CA ASP A 197 12.72 6.44 -11.44
C ASP A 197 12.60 5.26 -12.42
N LYS A 198 13.02 4.08 -11.98
CA LYS A 198 12.89 2.92 -12.84
C LYS A 198 11.40 2.72 -13.12
N LEU A 199 10.57 2.95 -12.12
CA LEU A 199 9.15 2.82 -12.32
C LEU A 199 8.68 3.83 -13.39
N ASN A 200 9.15 5.05 -13.31
CA ASN A 200 8.69 6.04 -14.28
C ASN A 200 9.21 5.83 -15.66
N ALA A 201 10.39 5.24 -15.75
CA ALA A 201 11.01 5.05 -17.06
C ALA A 201 10.65 3.79 -17.81
N ALA A 202 10.19 2.79 -17.08
CA ALA A 202 9.86 1.50 -17.68
C ALA A 202 8.81 1.57 -18.79
N LYS A 203 9.04 0.80 -19.85
CA LYS A 203 8.12 0.74 -20.98
C LYS A 203 7.38 -0.60 -20.99
N ASN A 204 7.98 -1.60 -20.35
CA ASN A 204 7.36 -2.90 -20.23
C ASN A 204 7.33 -3.16 -18.77
N LEU A 205 6.47 -4.07 -18.36
CA LEU A 205 6.40 -4.48 -16.97
C LEU A 205 7.53 -5.49 -16.74
N PRO A 206 7.86 -5.72 -15.48
CA PRO A 206 8.92 -6.65 -15.15
C PRO A 206 8.36 -8.02 -14.90
N GLN A 207 9.20 -9.03 -15.03
CA GLN A 207 8.72 -10.37 -14.77
C GLN A 207 8.11 -10.30 -13.43
N PRO A 208 6.91 -10.80 -13.27
CA PRO A 208 6.33 -10.76 -11.95
C PRO A 208 6.69 -12.00 -11.16
N GLN A 209 6.40 -11.94 -9.89
CA GLN A 209 6.52 -13.05 -8.99
C GLN A 209 5.05 -13.30 -8.63
N ARG A 210 4.72 -14.48 -8.15
CA ARG A 210 3.35 -14.74 -7.81
C ARG A 210 3.08 -14.40 -6.38
N VAL A 211 1.94 -13.79 -6.16
CA VAL A 211 1.51 -13.45 -4.82
C VAL A 211 1.21 -14.69 -3.99
N SER A 212 0.64 -15.69 -4.62
CA SER A 212 0.31 -16.93 -3.89
C SER A 212 1.56 -17.52 -3.21
N ARG A 213 2.71 -17.49 -3.89
CA ARG A 213 3.94 -18.06 -3.36
C ARG A 213 4.36 -17.27 -2.15
N LEU A 214 4.17 -15.97 -2.24
CA LEU A 214 4.48 -15.05 -1.17
C LEU A 214 3.61 -15.39 0.03
N LEU A 215 2.36 -15.78 -0.25
CA LEU A 215 1.40 -16.11 0.80
C LEU A 215 1.59 -17.51 1.38
N GLY A 216 2.65 -18.18 0.96
CA GLY A 216 2.95 -19.51 1.46
C GLY A 216 2.11 -20.62 0.81
N CYS A 217 1.97 -20.55 -0.51
CA CYS A 217 1.25 -21.58 -1.24
C CYS A 217 2.26 -22.40 -2.01
N THR A 218 1.89 -23.63 -2.33
CA THR A 218 2.79 -24.55 -3.04
C THR A 218 2.96 -24.16 -4.52
N HIS A 219 2.13 -23.24 -5.00
CA HIS A 219 2.24 -22.77 -6.38
C HIS A 219 1.98 -21.23 -6.46
P PO4 B . 4.21 1.99 2.35
O1 PO4 B . 4.00 3.43 2.66
O2 PO4 B . 5.18 1.92 1.24
O3 PO4 B . 4.74 1.33 3.57
O4 PO4 B . 2.90 1.38 1.98
NA NA C . 0.64 0.73 0.38
CL CL D . -1.78 0.20 -1.02
NA NA E . -5.84 -1.16 -3.47
#